data_5X89
#
_entry.id   5X89
#
_cell.length_a   77.674
_cell.length_b   93.059
_cell.length_c   126.109
_cell.angle_alpha   90.00
_cell.angle_beta   90.00
_cell.angle_gamma   90.00
#
_symmetry.space_group_name_H-M   'I 2 2 2'
#
loop_
_entity.id
_entity.type
_entity.pdbx_description
1 polymer 'EndA-like protein,tRNA-splicing endonuclease'
2 non-polymer 'PHOSPHATE ION'
3 water water
#
_entity_poly.entity_id   1
_entity_poly.type   'polypeptide(L)'
_entity_poly.pdbx_seq_one_letter_code
;MGSSHHHHHHSSGAAKGELVGSKVLVRNDRDANRLYSSMYGKPSRRGLQLWPEEALFLCEIGRLEVRSGNVRISPEELMD
RFVEEDPRFPVRYAVYADLRRRGWKPKPGRKFGTEFRAFRGEDERIAVKVLQEELDEFTAQDILEWLKLVEGTEFELVVA
IVDNDYDLNYYVFSELVLGGGLCAGNGGKELPRAKVFEGGSLVSKDYEDLKRRYFGTEHGNVLFLDPFETVYLTEKGEID
PETPEGEPMSVEELLSFFERRRPGFRAGYVVYRDLTERGYVVKSGFKYGGRFRVYEEDPDREHSKYVVRVVEPDTELSTR
DVLRATRLAHSVRKDFVLAVVEDVEEPRIEYVMWRWKRL
;
_entity_poly.pdbx_strand_id   A
#
loop_
_chem_comp.id
_chem_comp.type
_chem_comp.name
_chem_comp.formula
PO4 non-polymer 'PHOSPHATE ION' 'O4 P -3'
#
# COMPACT_ATOMS: atom_id res chain seq x y z
N ALA A 14 22.22 -6.67 35.39
CA ALA A 14 21.55 -5.74 34.49
C ALA A 14 22.27 -4.39 34.44
N ALA A 15 22.27 -3.78 33.26
CA ALA A 15 22.81 -2.44 33.09
C ALA A 15 21.98 -1.45 33.89
N LYS A 16 22.61 -0.37 34.34
CA LYS A 16 21.93 0.64 35.11
C LYS A 16 21.70 1.88 34.26
N GLY A 17 20.45 2.33 34.20
CA GLY A 17 20.12 3.50 33.42
C GLY A 17 19.46 4.57 34.24
N GLU A 18 19.65 5.82 33.84
CA GLU A 18 18.98 6.93 34.50
C GLU A 18 17.99 7.57 33.53
N LEU A 19 16.73 7.66 33.94
CA LEU A 19 15.72 8.34 33.15
C LEU A 19 15.90 9.85 33.28
N VAL A 20 16.20 10.50 32.17
CA VAL A 20 16.29 11.95 32.11
C VAL A 20 15.39 12.43 30.99
N GLY A 21 14.34 13.15 31.35
CA GLY A 21 13.31 13.49 30.38
C GLY A 21 12.68 12.19 29.89
N SER A 22 12.75 11.95 28.60
CA SER A 22 12.18 10.73 28.02
C SER A 22 13.25 9.76 27.52
N LYS A 23 14.51 10.03 27.84
CA LYS A 23 15.60 9.14 27.45
C LYS A 23 16.19 8.46 28.68
N VAL A 24 16.72 7.25 28.50
CA VAL A 24 17.44 6.60 29.57
C VAL A 24 18.93 6.52 29.25
N LEU A 25 19.74 7.11 30.11
CA LEU A 25 21.18 7.22 29.91
C LEU A 25 21.90 6.09 30.62
N VAL A 26 22.78 5.41 29.90
CA VAL A 26 23.60 4.35 30.47
C VAL A 26 25.04 4.81 30.48
N ARG A 27 25.53 5.21 31.65
CA ARG A 27 26.85 5.83 31.78
C ARG A 27 28.00 4.84 31.77
N ASN A 28 27.75 3.63 32.26
CA ASN A 28 28.79 2.62 32.35
C ASN A 28 29.26 2.22 30.96
N ASP A 29 30.53 2.46 30.67
CA ASP A 29 31.07 2.23 29.33
C ASP A 29 30.92 0.78 28.88
N ARG A 30 31.17 -0.17 29.77
CA ARG A 30 31.08 -1.57 29.40
C ARG A 30 29.66 -1.95 29.04
N ASP A 31 28.70 -1.57 29.89
CA ASP A 31 27.30 -1.89 29.64
C ASP A 31 26.77 -1.15 28.42
N ALA A 32 27.18 0.10 28.24
CA ALA A 32 26.77 0.88 27.08
C ALA A 32 27.28 0.23 25.80
N ASN A 33 28.54 -0.21 25.81
CA ASN A 33 29.09 -0.88 24.64
C ASN A 33 28.35 -2.17 24.32
N ARG A 34 28.01 -2.92 25.36
CA ARG A 34 27.31 -4.19 25.16
C ARG A 34 25.92 -3.96 24.56
N LEU A 35 25.21 -2.98 25.10
CA LEU A 35 23.89 -2.66 24.59
C LEU A 35 23.96 -2.16 23.15
N TYR A 36 24.92 -1.30 22.87
CA TYR A 36 25.06 -0.72 21.53
C TYR A 36 25.44 -1.78 20.50
N SER A 37 26.13 -2.83 20.93
CA SER A 37 26.52 -3.90 20.01
C SER A 37 25.29 -4.70 19.58
N SER A 38 24.19 -4.55 20.30
CA SER A 38 22.91 -5.16 19.91
C SER A 38 22.00 -4.12 19.28
N MET A 39 22.60 -3.00 18.88
CA MET A 39 21.93 -1.89 18.21
C MET A 39 20.90 -1.17 19.09
N TYR A 40 21.07 -1.22 20.41
CA TYR A 40 20.26 -0.37 21.28
C TYR A 40 20.92 0.98 21.50
N GLY A 41 20.14 2.04 21.35
CA GLY A 41 20.55 3.36 21.75
C GLY A 41 21.37 4.16 20.77
N LYS A 42 21.63 5.40 21.15
CA LYS A 42 22.46 6.29 20.35
C LYS A 42 23.54 6.85 21.24
N PRO A 43 24.80 6.74 20.80
CA PRO A 43 25.89 7.32 21.59
C PRO A 43 25.69 8.81 21.80
N SER A 44 26.06 9.30 22.96
CA SER A 44 26.00 10.73 23.21
C SER A 44 27.20 11.12 24.04
N ARG A 45 27.41 12.42 24.14
CA ARG A 45 28.52 12.96 24.91
C ARG A 45 28.52 12.43 26.35
N ARG A 46 27.33 12.22 26.91
CA ARG A 46 27.21 11.78 28.30
C ARG A 46 27.15 10.25 28.43
N GLY A 47 26.95 9.55 27.32
CA GLY A 47 26.85 8.10 27.36
C GLY A 47 25.74 7.61 26.45
N LEU A 48 25.45 6.32 26.51
CA LEU A 48 24.44 5.75 25.62
C LEU A 48 23.03 6.21 25.97
N GLN A 49 22.33 6.77 24.99
CA GLN A 49 20.98 7.27 25.21
C GLN A 49 19.97 6.33 24.61
N LEU A 50 19.11 5.78 25.46
CA LEU A 50 18.07 4.85 25.02
C LEU A 50 16.74 5.56 24.80
N TRP A 51 16.10 5.28 23.67
CA TRP A 51 14.75 5.76 23.41
C TRP A 51 13.78 5.05 24.34
N PRO A 52 12.61 5.66 24.59
CA PRO A 52 11.62 5.02 25.46
C PRO A 52 11.32 3.57 25.08
N GLU A 53 11.12 3.28 23.78
CA GLU A 53 10.81 1.91 23.36
C GLU A 53 11.93 0.96 23.76
N GLU A 54 13.16 1.42 23.60
CA GLU A 54 14.33 0.59 23.88
C GLU A 54 14.49 0.36 25.38
N ALA A 55 14.33 1.43 26.15
CA ALA A 55 14.46 1.33 27.60
C ALA A 55 13.40 0.40 28.16
N LEU A 56 12.16 0.54 27.69
CA LEU A 56 11.09 -0.28 28.23
C LEU A 56 11.32 -1.75 27.87
N PHE A 57 11.72 -2.01 26.63
CA PHE A 57 11.97 -3.38 26.20
C PHE A 57 13.07 -4.02 27.03
N LEU A 58 14.19 -3.32 27.17
CA LEU A 58 15.30 -3.82 27.98
C LEU A 58 14.91 -4.02 29.46
N CYS A 59 14.07 -3.13 29.97
N CYS A 59 14.09 -3.12 29.99
CA CYS A 59 13.62 -3.23 31.36
CA CYS A 59 13.59 -3.29 31.34
C CYS A 59 12.66 -4.41 31.56
C CYS A 59 12.78 -4.55 31.46
N GLU A 60 11.80 -4.67 30.59
CA GLU A 60 10.85 -5.77 30.65
C GLU A 60 11.55 -7.12 30.59
N ILE A 61 12.65 -7.21 29.84
CA ILE A 61 13.36 -8.48 29.74
C ILE A 61 14.49 -8.60 30.76
N GLY A 62 14.57 -7.65 31.69
CA GLY A 62 15.50 -7.75 32.81
C GLY A 62 16.95 -7.39 32.50
N ARG A 63 17.18 -6.68 31.41
CA ARG A 63 18.53 -6.31 31.01
C ARG A 63 18.88 -4.88 31.41
N LEU A 64 17.92 -4.19 32.00
CA LEU A 64 18.13 -2.79 32.36
C LEU A 64 17.34 -2.45 33.61
N GLU A 65 17.99 -1.76 34.54
CA GLU A 65 17.31 -1.20 35.69
C GLU A 65 17.27 0.32 35.52
N VAL A 66 16.11 0.91 35.73
CA VAL A 66 15.94 2.34 35.49
C VAL A 66 15.66 3.07 36.78
N ARG A 67 16.41 4.14 37.02
CA ARG A 67 16.07 5.04 38.12
C ARG A 67 15.71 6.43 37.61
N SER A 68 14.85 7.10 38.35
CA SER A 68 14.59 8.53 38.17
C SER A 68 14.99 9.17 39.48
N GLY A 69 16.02 10.01 39.46
CA GLY A 69 16.58 10.44 40.73
C GLY A 69 17.08 9.20 41.44
N ASN A 70 16.68 9.01 42.70
CA ASN A 70 17.08 7.80 43.45
C ASN A 70 15.95 6.77 43.52
N VAL A 71 14.94 6.95 42.68
CA VAL A 71 13.76 6.09 42.73
C VAL A 71 13.79 5.07 41.60
N ARG A 72 13.71 3.79 41.96
CA ARG A 72 13.64 2.71 40.97
C ARG A 72 12.29 2.71 40.29
N ILE A 73 12.30 2.73 38.96
CA ILE A 73 11.08 2.72 38.17
C ILE A 73 10.85 1.32 37.61
N SER A 74 9.75 0.68 38.00
CA SER A 74 9.45 -0.67 37.53
C SER A 74 9.06 -0.63 36.05
N PRO A 75 9.08 -1.80 35.37
CA PRO A 75 8.63 -1.83 33.98
C PRO A 75 7.20 -1.33 33.82
N GLU A 76 6.37 -1.60 34.81
CA GLU A 76 4.97 -1.20 34.78
C GLU A 76 4.86 0.31 34.92
N GLU A 77 5.65 0.88 35.83
CA GLU A 77 5.67 2.32 36.04
C GLU A 77 6.26 3.04 34.84
N LEU A 78 7.22 2.40 34.19
CA LEU A 78 7.87 2.98 33.02
C LEU A 78 6.86 3.08 31.87
N MET A 79 6.10 2.00 31.66
CA MET A 79 5.04 2.02 30.65
C MET A 79 4.06 3.15 30.93
N ASP A 80 3.63 3.24 32.18
CA ASP A 80 2.72 4.29 32.61
C ASP A 80 3.28 5.69 32.27
N ARG A 81 4.53 5.94 32.62
CA ARG A 81 5.15 7.22 32.35
C ARG A 81 5.18 7.54 30.86
N PHE A 82 5.58 6.56 30.07
CA PHE A 82 5.73 6.79 28.65
C PHE A 82 4.38 7.01 27.94
N VAL A 83 3.34 6.31 28.39
CA VAL A 83 2.01 6.50 27.82
C VAL A 83 1.47 7.88 28.19
N GLU A 84 1.71 8.31 29.43
CA GLU A 84 1.21 9.62 29.86
C GLU A 84 1.88 10.74 29.05
N GLU A 85 3.16 10.55 28.77
CA GLU A 85 3.92 11.55 28.02
C GLU A 85 3.52 11.57 26.55
N ASP A 86 3.19 10.40 26.00
CA ASP A 86 2.89 10.29 24.58
C ASP A 86 1.86 9.18 24.38
N PRO A 87 0.60 9.56 24.10
CA PRO A 87 -0.48 8.59 23.99
C PRO A 87 -0.28 7.59 22.86
N ARG A 88 0.58 7.91 21.91
CA ARG A 88 0.87 7.00 20.81
C ARG A 88 1.96 6.00 21.15
N PHE A 89 2.64 6.20 22.28
CA PHE A 89 3.70 5.27 22.66
C PHE A 89 3.33 3.78 22.62
N PRO A 90 2.18 3.39 23.19
CA PRO A 90 1.92 1.94 23.19
C PRO A 90 1.69 1.38 21.80
N VAL A 91 1.27 2.22 20.87
CA VAL A 91 1.06 1.81 19.48
C VAL A 91 2.43 1.53 18.85
N ARG A 92 3.34 2.50 18.96
CA ARG A 92 4.71 2.33 18.49
C ARG A 92 5.40 1.15 19.17
N TYR A 93 5.17 1.02 20.47
CA TYR A 93 5.88 0.01 21.26
C TYR A 93 5.44 -1.39 20.87
N ALA A 94 4.17 -1.56 20.51
CA ALA A 94 3.72 -2.87 20.07
C ALA A 94 4.53 -3.33 18.86
N VAL A 95 4.75 -2.41 17.93
CA VAL A 95 5.55 -2.71 16.76
C VAL A 95 7.02 -2.94 17.14
N TYR A 96 7.57 -2.05 17.97
CA TYR A 96 8.97 -2.18 18.37
C TYR A 96 9.23 -3.56 18.99
N ALA A 97 8.42 -3.92 19.97
CA ALA A 97 8.64 -5.17 20.70
C ALA A 97 8.47 -6.38 19.78
N ASP A 98 7.50 -6.30 18.87
CA ASP A 98 7.32 -7.40 17.94
C ASP A 98 8.48 -7.52 16.97
N LEU A 99 8.99 -6.40 16.48
CA LEU A 99 10.14 -6.43 15.57
C LEU A 99 11.36 -7.04 16.28
N ARG A 100 11.62 -6.63 17.52
CA ARG A 100 12.70 -7.23 18.29
C ARG A 100 12.49 -8.74 18.45
N ARG A 101 11.27 -9.13 18.81
CA ARG A 101 10.94 -10.55 18.94
C ARG A 101 11.24 -11.31 17.64
N ARG A 102 10.88 -10.70 16.51
CA ARG A 102 10.98 -11.36 15.20
C ARG A 102 12.39 -11.31 14.60
N GLY A 103 13.37 -10.82 15.36
CA GLY A 103 14.76 -10.86 14.91
C GLY A 103 15.31 -9.57 14.30
N TRP A 104 14.50 -8.52 14.29
CA TRP A 104 14.92 -7.23 13.74
C TRP A 104 15.57 -6.35 14.81
N LYS A 105 16.38 -5.41 14.37
CA LYS A 105 16.96 -4.41 15.26
C LYS A 105 16.40 -3.06 14.85
N PRO A 106 15.35 -2.60 15.53
CA PRO A 106 14.68 -1.35 15.15
C PRO A 106 15.31 -0.14 15.81
N LYS A 107 15.60 0.88 15.01
CA LYS A 107 16.20 2.10 15.52
C LYS A 107 15.24 3.26 15.39
N PRO A 108 14.72 3.76 16.52
CA PRO A 108 13.86 4.94 16.43
C PRO A 108 14.61 6.13 15.84
N GLY A 109 13.90 7.02 15.18
CA GLY A 109 14.53 8.18 14.58
C GLY A 109 13.62 8.85 13.58
N ARG A 110 14.11 9.91 12.95
CA ARG A 110 13.30 10.66 12.00
C ARG A 110 13.61 10.35 10.54
N LYS A 111 14.69 9.62 10.28
CA LYS A 111 15.08 9.30 8.91
C LYS A 111 13.94 8.62 8.16
N PHE A 112 13.69 9.07 6.93
CA PHE A 112 12.64 8.54 6.06
C PHE A 112 11.22 8.90 6.50
N GLY A 113 11.09 9.67 7.57
CA GLY A 113 9.80 10.07 8.10
C GLY A 113 9.05 8.96 8.82
N THR A 114 9.76 7.85 9.04
CA THR A 114 9.16 6.68 9.66
C THR A 114 9.51 6.60 11.16
N GLU A 115 8.77 5.77 11.88
CA GLU A 115 9.01 5.61 13.32
C GLU A 115 10.33 4.90 13.58
N PHE A 116 10.63 3.90 12.74
CA PHE A 116 11.87 3.12 12.89
C PHE A 116 12.56 2.88 11.56
N ARG A 117 13.87 2.71 11.60
CA ARG A 117 14.62 1.97 10.59
C ARG A 117 14.96 0.65 11.25
N ALA A 118 14.69 -0.47 10.59
CA ALA A 118 14.99 -1.75 11.20
C ALA A 118 15.91 -2.58 10.32
N PHE A 119 16.82 -3.27 10.98
CA PHE A 119 17.88 -4.03 10.31
C PHE A 119 17.81 -5.50 10.68
N ARG A 120 18.08 -6.37 9.73
CA ARG A 120 18.24 -7.79 10.05
C ARG A 120 19.24 -8.40 9.11
N GLY A 121 20.15 -9.19 9.66
CA GLY A 121 21.25 -9.74 8.87
C GLY A 121 22.04 -8.61 8.23
N GLU A 122 22.69 -8.90 7.10
CA GLU A 122 23.46 -7.88 6.43
C GLU A 122 22.67 -7.22 5.30
N ASP A 123 21.54 -7.80 4.92
CA ASP A 123 20.85 -7.36 3.72
C ASP A 123 19.43 -6.81 3.92
N GLU A 124 18.82 -7.06 5.07
CA GLU A 124 17.43 -6.62 5.26
C GLU A 124 17.36 -5.26 5.93
N ARG A 125 16.71 -4.32 5.25
CA ARG A 125 16.60 -2.95 5.74
C ARG A 125 15.21 -2.41 5.46
N ILE A 126 14.49 -2.01 6.50
CA ILE A 126 13.14 -1.50 6.31
C ILE A 126 12.93 -0.18 7.04
N ALA A 127 12.10 0.67 6.45
CA ALA A 127 11.66 1.90 7.09
C ALA A 127 10.21 1.67 7.49
N VAL A 128 9.93 1.74 8.79
CA VAL A 128 8.64 1.28 9.31
C VAL A 128 7.71 2.42 9.69
N LYS A 129 6.64 2.55 8.90
CA LYS A 129 5.60 3.55 9.11
C LYS A 129 4.47 2.93 9.94
N VAL A 130 4.27 3.41 11.16
CA VAL A 130 3.29 2.84 12.07
C VAL A 130 1.95 3.55 11.95
N LEU A 131 0.88 2.76 11.73
CA LEU A 131 -0.47 3.30 11.66
C LEU A 131 -1.37 2.66 12.69
N GLN A 132 -2.17 3.47 13.37
CA GLN A 132 -3.16 2.99 14.32
C GLN A 132 -4.48 2.75 13.59
N GLU A 133 -5.16 1.66 13.96
CA GLU A 133 -6.40 1.23 13.29
C GLU A 133 -7.35 2.37 12.96
N GLU A 134 -7.65 3.22 13.93
CA GLU A 134 -8.64 4.28 13.75
C GLU A 134 -8.07 5.68 13.64
N LEU A 135 -6.94 5.93 14.29
CA LEU A 135 -6.50 7.31 14.49
C LEU A 135 -5.71 7.91 13.33
N ASP A 136 -5.22 7.07 12.42
CA ASP A 136 -4.38 7.58 11.34
C ASP A 136 -5.06 7.58 9.98
N GLU A 137 -5.37 8.77 9.50
CA GLU A 137 -5.91 8.97 8.16
C GLU A 137 -4.80 9.34 7.19
N PHE A 138 -4.95 8.97 5.93
CA PHE A 138 -3.95 9.29 4.92
C PHE A 138 -4.54 9.24 3.53
N THR A 139 -3.84 9.83 2.57
CA THR A 139 -4.31 9.87 1.18
C THR A 139 -3.39 9.06 0.30
N ALA A 140 -3.78 8.89 -0.96
CA ALA A 140 -2.90 8.28 -1.93
C ALA A 140 -1.63 9.12 -2.10
N GLN A 141 -1.77 10.44 -2.08
CA GLN A 141 -0.59 11.32 -2.15
C GLN A 141 0.38 11.04 -1.01
N ASP A 142 -0.15 10.80 0.19
CA ASP A 142 0.70 10.48 1.34
C ASP A 142 1.53 9.24 1.06
N ILE A 143 0.91 8.23 0.45
CA ILE A 143 1.63 7.01 0.14
C ILE A 143 2.77 7.28 -0.84
N LEU A 144 2.49 8.07 -1.87
CA LEU A 144 3.53 8.45 -2.82
C LEU A 144 4.68 9.17 -2.11
N GLU A 145 4.35 9.99 -1.12
CA GLU A 145 5.39 10.72 -0.42
C GLU A 145 6.18 9.81 0.50
N TRP A 146 5.52 8.85 1.16
CA TRP A 146 6.23 7.87 1.97
C TRP A 146 7.23 7.11 1.11
N LEU A 147 6.80 6.70 -0.07
CA LEU A 147 7.63 5.92 -0.98
C LEU A 147 8.81 6.72 -1.51
N LYS A 148 8.56 7.98 -1.84
CA LYS A 148 9.60 8.83 -2.41
C LYS A 148 10.80 8.92 -1.46
N LEU A 149 10.54 8.90 -0.16
CA LEU A 149 11.61 9.06 0.83
C LEU A 149 12.58 7.88 0.84
N VAL A 150 12.10 6.68 0.48
CA VAL A 150 12.99 5.52 0.45
C VAL A 150 13.43 5.14 -0.97
N GLU A 151 12.95 5.90 -1.95
CA GLU A 151 13.27 5.60 -3.35
C GLU A 151 14.78 5.69 -3.60
N GLY A 152 15.32 4.67 -4.26
CA GLY A 152 16.74 4.66 -4.60
C GLY A 152 17.62 4.27 -3.43
N THR A 153 17.02 3.90 -2.31
CA THR A 153 17.78 3.41 -1.16
C THR A 153 17.60 1.91 -1.01
N GLU A 154 18.36 1.32 -0.10
CA GLU A 154 18.24 -0.11 0.16
C GLU A 154 17.09 -0.42 1.12
N PHE A 155 16.41 0.60 1.61
CA PHE A 155 15.32 0.40 2.53
C PHE A 155 13.98 0.18 1.83
N GLU A 156 13.25 -0.84 2.27
CA GLU A 156 11.90 -1.04 1.79
C GLU A 156 10.94 -0.31 2.71
N LEU A 157 9.87 0.22 2.14
CA LEU A 157 8.82 0.85 2.94
C LEU A 157 7.89 -0.22 3.52
N VAL A 158 7.86 -0.32 4.84
CA VAL A 158 6.97 -1.24 5.53
C VAL A 158 5.96 -0.45 6.33
N VAL A 159 4.69 -0.75 6.12
CA VAL A 159 3.62 -0.16 6.88
C VAL A 159 3.16 -1.16 7.92
N ALA A 160 3.21 -0.75 9.18
CA ALA A 160 2.80 -1.61 10.28
C ALA A 160 1.52 -1.07 10.87
N ILE A 161 0.44 -1.84 10.77
CA ILE A 161 -0.84 -1.40 11.29
C ILE A 161 -1.13 -2.11 12.62
N VAL A 162 -1.46 -1.32 13.62
CA VAL A 162 -1.73 -1.81 14.97
C VAL A 162 -3.22 -1.68 15.24
N ASP A 163 -3.90 -2.76 15.58
CA ASP A 163 -5.33 -2.61 15.86
C ASP A 163 -5.56 -2.15 17.30
N ASN A 164 -6.82 -1.89 17.64
CA ASN A 164 -7.14 -1.33 18.95
C ASN A 164 -6.71 -2.21 20.11
N ASP A 165 -6.46 -3.49 19.84
CA ASP A 165 -6.07 -4.43 20.88
C ASP A 165 -4.61 -4.89 20.73
N TYR A 166 -3.86 -4.13 19.93
CA TYR A 166 -2.38 -4.25 19.75
C TYR A 166 -1.94 -5.47 18.94
N ASP A 167 -2.86 -6.10 18.22
CA ASP A 167 -2.44 -7.09 17.22
C ASP A 167 -1.93 -6.35 15.97
N LEU A 168 -1.06 -7.01 15.21
CA LEU A 168 -0.28 -6.34 14.17
C LEU A 168 -0.42 -6.96 12.80
N ASN A 169 -0.25 -6.12 11.78
CA ASN A 169 -0.11 -6.59 10.41
C ASN A 169 0.92 -5.72 9.71
N TYR A 170 1.73 -6.35 8.86
CA TYR A 170 2.79 -5.65 8.14
C TYR A 170 2.57 -5.72 6.63
N TYR A 171 2.96 -4.65 5.94
CA TYR A 171 2.78 -4.52 4.49
C TYR A 171 4.04 -3.93 3.89
N VAL A 172 4.46 -4.46 2.76
CA VAL A 172 5.47 -3.81 1.95
C VAL A 172 4.76 -3.03 0.86
N PHE A 173 5.04 -1.73 0.79
CA PHE A 173 4.56 -0.88 -0.30
C PHE A 173 5.71 -0.68 -1.25
N SER A 174 5.47 -0.88 -2.54
CA SER A 174 6.53 -0.77 -3.53
C SER A 174 6.06 -0.18 -4.84
N GLU A 175 6.99 0.37 -5.60
CA GLU A 175 6.70 0.84 -6.95
C GLU A 175 6.48 -0.34 -7.88
N LEU A 176 5.42 -0.25 -8.70
CA LEU A 176 5.24 -1.20 -9.79
C LEU A 176 5.44 -0.47 -11.11
N VAL A 177 6.34 -0.96 -11.95
CA VAL A 177 6.48 -0.43 -13.29
C VAL A 177 5.95 -1.46 -14.28
N LEU A 178 5.01 -1.02 -15.12
CA LEU A 178 4.38 -1.91 -16.09
C LEU A 178 5.34 -2.30 -17.21
N GLY A 179 5.06 -3.44 -17.85
CA GLY A 179 5.80 -3.86 -19.01
C GLY A 179 5.03 -3.49 -20.27
N GLY A 180 5.36 -4.15 -21.38
CA GLY A 180 4.65 -3.97 -22.63
C GLY A 180 5.10 -2.76 -23.42
N GLU A 190 -15.31 -0.01 -42.13
CA GLU A 190 -15.13 -1.46 -42.17
C GLU A 190 -15.03 -2.04 -40.76
N LEU A 191 -15.22 -1.17 -39.77
CA LEU A 191 -15.19 -1.59 -38.37
C LEU A 191 -16.51 -2.19 -37.95
N PRO A 192 -16.49 -3.10 -36.97
CA PRO A 192 -17.76 -3.62 -36.46
C PRO A 192 -18.62 -2.50 -35.86
N ARG A 193 -19.93 -2.62 -36.01
CA ARG A 193 -20.87 -1.71 -35.39
C ARG A 193 -21.10 -2.08 -33.94
N ALA A 194 -20.98 -1.08 -33.05
CA ALA A 194 -21.22 -1.30 -31.63
C ALA A 194 -22.42 -0.46 -31.16
N LYS A 195 -23.52 -1.12 -30.81
CA LYS A 195 -24.72 -0.39 -30.41
C LYS A 195 -24.62 -0.04 -28.92
N VAL A 196 -24.41 1.24 -28.65
CA VAL A 196 -24.15 1.72 -27.29
C VAL A 196 -25.42 1.65 -26.43
N PHE A 197 -25.26 1.22 -25.19
CA PHE A 197 -26.32 1.33 -24.21
C PHE A 197 -25.70 1.56 -22.84
N GLU A 198 -26.54 1.68 -21.82
CA GLU A 198 -26.09 2.00 -20.47
C GLU A 198 -24.94 1.11 -19.98
N GLY A 199 -24.93 -0.15 -20.42
CA GLY A 199 -23.98 -1.12 -19.92
C GLY A 199 -22.77 -1.36 -20.81
N GLY A 200 -22.60 -0.53 -21.83
CA GLY A 200 -21.48 -0.67 -22.75
C GLY A 200 -21.96 -0.63 -24.19
N SER A 201 -21.75 -1.71 -24.93
CA SER A 201 -22.27 -1.79 -26.29
C SER A 201 -22.43 -3.24 -26.72
N LEU A 202 -23.25 -3.44 -27.75
CA LEU A 202 -23.49 -4.77 -28.32
C LEU A 202 -22.95 -4.84 -29.74
N VAL A 203 -22.16 -5.86 -30.03
CA VAL A 203 -21.67 -6.11 -31.38
C VAL A 203 -22.25 -7.43 -31.87
N SER A 204 -23.05 -7.38 -32.94
CA SER A 204 -23.77 -8.56 -33.42
C SER A 204 -23.12 -9.23 -34.62
N LYS A 205 -22.21 -8.52 -35.28
CA LYS A 205 -21.65 -9.00 -36.53
C LYS A 205 -20.15 -8.70 -36.62
N ASP A 206 -19.39 -9.66 -37.13
CA ASP A 206 -17.95 -9.48 -37.37
C ASP A 206 -17.19 -9.15 -36.10
N TYR A 207 -17.51 -9.84 -35.02
CA TYR A 207 -16.85 -9.58 -33.74
C TYR A 207 -15.82 -10.62 -33.37
N GLU A 208 -15.63 -11.63 -34.20
CA GLU A 208 -14.79 -12.77 -33.81
C GLU A 208 -13.35 -12.36 -33.52
N ASP A 209 -12.84 -11.41 -34.30
CA ASP A 209 -11.47 -10.92 -34.11
C ASP A 209 -11.31 -10.27 -32.74
N LEU A 210 -12.23 -9.37 -32.40
CA LEU A 210 -12.19 -8.72 -31.09
C LEU A 210 -12.33 -9.74 -29.96
N LYS A 211 -13.21 -10.71 -30.15
CA LYS A 211 -13.42 -11.75 -29.15
C LYS A 211 -12.14 -12.56 -28.91
N ARG A 212 -11.47 -12.96 -29.98
CA ARG A 212 -10.24 -13.73 -29.87
C ARG A 212 -9.10 -12.93 -29.22
N ARG A 213 -9.20 -11.60 -29.31
CA ARG A 213 -8.23 -10.72 -28.65
C ARG A 213 -8.67 -10.37 -27.23
N TYR A 214 -9.69 -11.10 -26.76
CA TYR A 214 -10.15 -11.12 -25.36
C TYR A 214 -11.02 -9.92 -24.97
N PHE A 215 -11.42 -9.12 -25.96
CA PHE A 215 -12.36 -8.05 -25.69
C PHE A 215 -13.77 -8.58 -25.63
N GLY A 216 -14.53 -8.05 -24.68
CA GLY A 216 -15.94 -8.34 -24.58
C GLY A 216 -16.26 -9.68 -23.96
N THR A 217 -17.57 -9.90 -23.82
CA THR A 217 -18.11 -11.10 -23.24
C THR A 217 -19.14 -11.66 -24.20
N GLU A 218 -18.86 -12.82 -24.78
CA GLU A 218 -19.80 -13.40 -25.74
C GLU A 218 -20.95 -14.07 -25.02
N HIS A 219 -22.16 -13.75 -25.43
CA HIS A 219 -23.32 -14.54 -25.04
C HIS A 219 -24.06 -14.98 -26.27
N GLY A 220 -24.19 -16.30 -26.44
CA GLY A 220 -24.74 -16.84 -27.68
C GLY A 220 -23.90 -16.33 -28.85
N ASN A 221 -24.56 -15.62 -29.78
CA ASN A 221 -23.87 -15.10 -30.94
C ASN A 221 -23.79 -13.57 -30.95
N VAL A 222 -23.66 -12.99 -29.77
CA VAL A 222 -23.51 -11.54 -29.62
C VAL A 222 -22.35 -11.24 -28.68
N LEU A 223 -21.56 -10.21 -29.00
CA LEU A 223 -20.46 -9.80 -28.13
C LEU A 223 -20.87 -8.55 -27.36
N PHE A 224 -20.87 -8.65 -26.03
CA PHE A 224 -21.11 -7.50 -25.17
C PHE A 224 -19.78 -6.86 -24.80
N LEU A 225 -19.65 -5.55 -25.06
CA LEU A 225 -18.47 -4.80 -24.60
C LEU A 225 -18.86 -4.00 -23.39
N ASP A 226 -18.03 -4.01 -22.35
CA ASP A 226 -18.36 -3.22 -21.16
C ASP A 226 -18.04 -1.73 -21.44
N PRO A 227 -18.36 -0.82 -20.50
CA PRO A 227 -18.15 0.60 -20.82
C PRO A 227 -16.70 0.97 -21.16
N PHE A 228 -15.72 0.52 -20.39
CA PHE A 228 -14.34 0.90 -20.73
C PHE A 228 -13.92 0.28 -22.07
N GLU A 229 -14.34 -0.94 -22.34
CA GLU A 229 -14.02 -1.59 -23.60
C GLU A 229 -14.60 -0.79 -24.77
N THR A 230 -15.81 -0.30 -24.58
CA THR A 230 -16.50 0.49 -25.59
C THR A 230 -15.74 1.81 -25.86
N VAL A 231 -15.33 2.50 -24.80
CA VAL A 231 -14.59 3.74 -25.01
C VAL A 231 -13.24 3.45 -25.66
N TYR A 232 -12.53 2.46 -25.14
CA TYR A 232 -11.19 2.13 -25.63
C TYR A 232 -11.17 1.74 -27.10
N LEU A 233 -12.05 0.81 -27.46
CA LEU A 233 -12.06 0.30 -28.83
C LEU A 233 -12.54 1.39 -29.80
N THR A 234 -13.34 2.33 -29.32
CA THR A 234 -13.67 3.50 -30.14
C THR A 234 -12.44 4.37 -30.35
N GLU A 235 -11.74 4.70 -29.27
CA GLU A 235 -10.56 5.56 -29.36
C GLU A 235 -9.48 4.96 -30.25
N LYS A 236 -9.34 3.63 -30.20
CA LYS A 236 -8.29 2.95 -30.94
C LYS A 236 -8.70 2.58 -32.37
N GLY A 237 -9.90 3.00 -32.77
CA GLY A 237 -10.36 2.74 -34.12
C GLY A 237 -10.61 1.27 -34.41
N GLU A 238 -11.19 0.59 -33.44
CA GLU A 238 -11.49 -0.85 -33.56
C GLU A 238 -13.00 -1.13 -33.71
N ILE A 239 -13.84 -0.19 -33.28
CA ILE A 239 -15.29 -0.28 -33.45
C ILE A 239 -15.87 1.06 -33.83
N ASP A 240 -17.04 1.03 -34.48
CA ASP A 240 -17.82 2.23 -34.72
C ASP A 240 -19.04 2.23 -33.79
N PRO A 241 -18.97 2.99 -32.68
CA PRO A 241 -20.12 3.03 -31.76
C PRO A 241 -21.27 3.86 -32.32
N GLU A 242 -22.50 3.42 -32.11
CA GLU A 242 -23.64 4.16 -32.61
C GLU A 242 -24.76 4.26 -31.59
N THR A 243 -25.53 5.35 -31.72
CA THR A 243 -26.76 5.55 -30.95
C THR A 243 -27.86 4.68 -31.53
N PRO A 244 -29.02 4.58 -30.84
CA PRO A 244 -30.12 3.77 -31.41
C PRO A 244 -30.63 4.26 -32.76
N GLU A 245 -30.34 5.52 -33.11
CA GLU A 245 -30.77 6.05 -34.40
C GLU A 245 -29.67 5.89 -35.46
N GLY A 246 -28.56 5.27 -35.06
CA GLY A 246 -27.49 4.97 -35.99
C GLY A 246 -26.42 6.04 -36.12
N GLU A 247 -26.44 7.03 -35.22
CA GLU A 247 -25.46 8.11 -35.25
C GLU A 247 -24.18 7.76 -34.51
N PRO A 248 -23.03 8.24 -35.00
CA PRO A 248 -21.79 7.99 -34.26
C PRO A 248 -21.75 8.68 -32.89
N MET A 249 -20.97 8.11 -31.99
CA MET A 249 -20.61 8.76 -30.74
C MET A 249 -19.11 8.93 -30.67
N SER A 250 -18.66 10.10 -30.23
CA SER A 250 -17.24 10.34 -30.03
C SER A 250 -16.77 9.74 -28.72
N VAL A 251 -15.45 9.68 -28.54
CA VAL A 251 -14.88 9.24 -27.28
C VAL A 251 -15.39 10.11 -26.14
N GLU A 252 -15.38 11.42 -26.34
CA GLU A 252 -15.83 12.34 -25.29
C GLU A 252 -17.32 12.16 -25.00
N GLU A 253 -18.12 11.91 -26.03
CA GLU A 253 -19.54 11.65 -25.81
C GLU A 253 -19.75 10.36 -25.01
N LEU A 254 -18.92 9.35 -25.28
CA LEU A 254 -19.00 8.11 -24.52
C LEU A 254 -18.59 8.31 -23.06
N LEU A 255 -17.50 9.03 -22.83
CA LEU A 255 -17.07 9.31 -21.47
C LEU A 255 -18.15 10.06 -20.71
N SER A 256 -18.77 11.04 -21.37
CA SER A 256 -19.83 11.82 -20.73
C SER A 256 -21.05 10.96 -20.44
N PHE A 257 -21.38 10.07 -21.38
CA PHE A 257 -22.53 9.19 -21.23
C PHE A 257 -22.35 8.22 -20.06
N PHE A 258 -21.20 7.54 -20.04
CA PHE A 258 -20.95 6.52 -19.03
C PHE A 258 -20.67 7.07 -17.64
N GLU A 259 -20.10 8.27 -17.53
CA GLU A 259 -19.69 8.78 -16.22
C GLU A 259 -20.85 9.27 -15.37
N ARG A 260 -22.03 9.43 -15.97
CA ARG A 260 -23.16 10.01 -15.24
C ARG A 260 -23.51 9.22 -13.99
N ARG A 261 -23.44 7.89 -14.07
CA ARG A 261 -23.80 7.07 -12.92
C ARG A 261 -22.68 6.14 -12.49
N ARG A 262 -21.49 6.35 -13.03
CA ARG A 262 -20.34 5.52 -12.68
C ARG A 262 -19.22 6.39 -12.15
N PRO A 263 -18.85 6.18 -10.88
CA PRO A 263 -17.89 7.00 -10.14
C PRO A 263 -16.48 6.83 -10.64
N GLY A 264 -15.72 7.93 -10.70
CA GLY A 264 -14.32 7.89 -11.08
C GLY A 264 -14.08 7.37 -12.48
N PHE A 265 -15.05 7.55 -13.38
CA PHE A 265 -15.00 6.89 -14.68
C PHE A 265 -13.82 7.35 -15.55
N ARG A 266 -13.59 8.65 -15.63
CA ARG A 266 -12.51 9.14 -16.48
C ARG A 266 -11.13 8.69 -15.99
N ALA A 267 -10.92 8.71 -14.67
CA ALA A 267 -9.67 8.21 -14.11
C ALA A 267 -9.54 6.70 -14.32
N GLY A 268 -10.64 5.98 -14.13
CA GLY A 268 -10.62 4.55 -14.35
C GLY A 268 -10.29 4.25 -15.80
N TYR A 269 -10.83 5.05 -16.73
CA TYR A 269 -10.59 4.81 -18.15
C TYR A 269 -9.11 4.95 -18.52
N VAL A 270 -8.43 5.96 -18.02
CA VAL A 270 -7.04 6.14 -18.44
C VAL A 270 -6.17 5.01 -17.92
N VAL A 271 -6.55 4.40 -16.80
CA VAL A 271 -5.82 3.24 -16.30
C VAL A 271 -6.18 2.01 -17.16
N TYR A 272 -7.45 1.83 -17.48
CA TYR A 272 -7.84 0.76 -18.40
C TYR A 272 -7.02 0.87 -19.70
N ARG A 273 -6.96 2.08 -20.24
CA ARG A 273 -6.29 2.30 -21.52
C ARG A 273 -4.78 2.06 -21.43
N ASP A 274 -4.17 2.53 -20.34
CA ASP A 274 -2.74 2.35 -20.14
C ASP A 274 -2.37 0.86 -20.12
N LEU A 275 -3.11 0.10 -19.31
CA LEU A 275 -2.86 -1.34 -19.21
C LEU A 275 -3.10 -2.04 -20.55
N THR A 276 -4.22 -1.73 -21.19
CA THR A 276 -4.59 -2.43 -22.41
C THR A 276 -3.65 -2.09 -23.57
N GLU A 277 -3.22 -0.83 -23.66
CA GLU A 277 -2.21 -0.39 -24.64
C GLU A 277 -0.95 -1.21 -24.58
N ARG A 278 -0.61 -1.62 -23.36
CA ARG A 278 0.64 -2.33 -23.09
C ARG A 278 0.50 -3.83 -23.31
N GLY A 279 -0.72 -4.26 -23.64
CA GLY A 279 -0.93 -5.67 -23.94
C GLY A 279 -1.49 -6.49 -22.81
N TYR A 280 -1.78 -5.88 -21.67
CA TYR A 280 -2.50 -6.57 -20.62
C TYR A 280 -3.96 -6.76 -21.04
N VAL A 281 -4.61 -7.77 -20.49
CA VAL A 281 -6.05 -7.92 -20.65
C VAL A 281 -6.73 -7.49 -19.35
N VAL A 282 -7.66 -6.58 -19.46
CA VAL A 282 -8.31 -5.97 -18.29
C VAL A 282 -9.80 -6.30 -18.24
N LYS A 283 -10.24 -6.83 -17.10
CA LYS A 283 -11.65 -7.15 -16.90
C LYS A 283 -12.09 -6.61 -15.55
N SER A 284 -13.36 -6.75 -15.21
CA SER A 284 -13.84 -6.26 -13.92
C SER A 284 -13.13 -6.95 -12.77
N GLY A 285 -12.65 -6.17 -11.81
CA GLY A 285 -12.04 -6.76 -10.63
C GLY A 285 -13.00 -6.93 -9.49
N PHE A 286 -14.28 -6.73 -9.76
CA PHE A 286 -15.30 -6.75 -8.73
C PHE A 286 -15.19 -7.97 -7.83
N LYS A 287 -15.10 -9.15 -8.43
CA LYS A 287 -15.16 -10.39 -7.65
C LYS A 287 -13.95 -10.56 -6.73
N TYR A 288 -12.88 -9.79 -6.97
CA TYR A 288 -11.66 -9.88 -6.15
C TYR A 288 -11.43 -8.59 -5.37
N GLY A 289 -12.42 -7.72 -5.34
CA GLY A 289 -12.37 -6.52 -4.53
C GLY A 289 -11.70 -5.31 -5.13
N GLY A 290 -11.53 -5.30 -6.44
CA GLY A 290 -10.92 -4.17 -7.10
C GLY A 290 -11.74 -3.63 -8.24
N ARG A 291 -11.26 -2.55 -8.86
CA ARG A 291 -11.90 -2.06 -10.07
C ARG A 291 -11.60 -3.00 -11.24
N PHE A 292 -10.35 -3.45 -11.32
CA PHE A 292 -9.90 -4.30 -12.42
C PHE A 292 -9.25 -5.59 -11.92
N ARG A 293 -9.38 -6.66 -12.69
CA ARG A 293 -8.44 -7.76 -12.61
C ARG A 293 -7.65 -7.72 -13.90
N VAL A 294 -6.35 -7.99 -13.82
CA VAL A 294 -5.45 -7.76 -14.94
C VAL A 294 -4.64 -9.00 -15.26
N TYR A 295 -4.70 -9.42 -16.51
CA TYR A 295 -3.96 -10.58 -17.04
C TYR A 295 -2.74 -10.16 -17.82
N GLU A 296 -1.69 -10.95 -17.73
CA GLU A 296 -0.50 -10.71 -18.53
C GLU A 296 -0.69 -10.98 -20.03
N GLU A 297 -1.44 -12.01 -20.38
CA GLU A 297 -1.49 -12.41 -21.80
C GLU A 297 -2.77 -13.11 -22.23
N ASP A 298 -3.04 -14.27 -21.63
CA ASP A 298 -4.09 -15.15 -22.11
C ASP A 298 -5.03 -15.57 -20.98
N PRO A 299 -6.16 -14.86 -20.84
CA PRO A 299 -7.14 -15.10 -19.76
C PRO A 299 -7.73 -16.51 -19.75
N ASP A 300 -7.82 -17.13 -20.92
CA ASP A 300 -8.40 -18.47 -21.03
C ASP A 300 -7.44 -19.51 -20.46
N ARG A 301 -6.18 -19.11 -20.34
CA ARG A 301 -5.11 -20.00 -19.90
C ARG A 301 -4.64 -19.67 -18.50
N GLU A 302 -4.51 -18.38 -18.22
CA GLU A 302 -3.89 -17.91 -16.99
C GLU A 302 -4.89 -17.32 -15.99
N HIS A 303 -4.51 -17.30 -14.72
CA HIS A 303 -5.18 -16.48 -13.73
C HIS A 303 -4.78 -15.02 -13.92
N SER A 304 -5.68 -14.10 -13.60
CA SER A 304 -5.28 -12.70 -13.56
C SER A 304 -4.21 -12.53 -12.49
N LYS A 305 -3.27 -11.62 -12.77
CA LYS A 305 -2.11 -11.42 -11.91
C LYS A 305 -2.34 -10.32 -10.87
N TYR A 306 -3.02 -9.25 -11.27
CA TYR A 306 -3.21 -8.08 -10.41
C TYR A 306 -4.68 -7.78 -10.15
N VAL A 307 -4.96 -7.32 -8.94
CA VAL A 307 -6.22 -6.67 -8.63
C VAL A 307 -5.92 -5.18 -8.46
N VAL A 308 -6.58 -4.34 -9.25
CA VAL A 308 -6.24 -2.92 -9.28
C VAL A 308 -7.39 -2.02 -8.84
N ARG A 309 -7.09 -1.10 -7.92
CA ARG A 309 -7.98 0.00 -7.56
C ARG A 309 -7.43 1.29 -8.14
N VAL A 310 -8.31 2.12 -8.71
CA VAL A 310 -7.89 3.41 -9.24
C VAL A 310 -8.32 4.52 -8.30
N VAL A 311 -7.37 5.40 -7.99
CA VAL A 311 -7.64 6.56 -7.15
C VAL A 311 -6.96 7.80 -7.72
N GLU A 312 -7.15 8.93 -7.06
CA GLU A 312 -6.42 10.15 -7.37
C GLU A 312 -5.58 10.56 -6.14
N PRO A 313 -4.62 11.49 -6.31
CA PRO A 313 -3.77 11.82 -5.17
C PRO A 313 -4.53 12.26 -3.90
N ASP A 314 -5.62 13.01 -4.05
CA ASP A 314 -6.33 13.49 -2.87
C ASP A 314 -7.36 12.49 -2.33
N THR A 315 -7.45 11.31 -2.94
CA THR A 315 -8.38 10.30 -2.44
C THR A 315 -8.02 9.86 -1.03
N GLU A 316 -8.97 9.94 -0.11
CA GLU A 316 -8.74 9.49 1.25
C GLU A 316 -8.73 7.96 1.29
N LEU A 317 -7.71 7.41 1.93
CA LEU A 317 -7.57 5.98 2.14
C LEU A 317 -7.64 5.67 3.63
N SER A 318 -7.68 4.38 3.95
CA SER A 318 -7.72 4.00 5.35
C SER A 318 -6.90 2.75 5.62
N THR A 319 -6.62 2.52 6.89
CA THR A 319 -6.04 1.28 7.33
C THR A 319 -6.89 0.10 6.87
N ARG A 320 -8.21 0.29 6.90
CA ARG A 320 -9.16 -0.75 6.52
C ARG A 320 -8.99 -1.12 5.04
N ASP A 321 -8.75 -0.14 4.19
CA ASP A 321 -8.47 -0.41 2.77
C ASP A 321 -7.27 -1.33 2.62
N VAL A 322 -6.20 -1.02 3.35
CA VAL A 322 -4.97 -1.79 3.22
C VAL A 322 -5.15 -3.23 3.65
N LEU A 323 -5.77 -3.42 4.81
CA LEU A 323 -6.04 -4.76 5.32
C LEU A 323 -6.90 -5.54 4.32
N ARG A 324 -8.05 -4.97 3.96
CA ARG A 324 -9.03 -5.71 3.19
C ARG A 324 -8.54 -6.00 1.77
N ALA A 325 -7.90 -5.03 1.14
CA ALA A 325 -7.46 -5.20 -0.24
C ALA A 325 -6.43 -6.32 -0.33
N THR A 326 -5.46 -6.30 0.58
CA THR A 326 -4.39 -7.28 0.53
C THR A 326 -4.82 -8.66 1.02
N ARG A 327 -5.68 -8.70 2.03
CA ARG A 327 -6.13 -9.98 2.52
C ARG A 327 -6.97 -10.68 1.44
N LEU A 328 -7.81 -9.93 0.76
CA LEU A 328 -8.59 -10.49 -0.35
C LEU A 328 -7.67 -10.97 -1.47
N ALA A 329 -6.74 -10.12 -1.88
CA ALA A 329 -5.82 -10.47 -2.96
C ALA A 329 -5.03 -11.72 -2.59
N HIS A 330 -4.56 -11.77 -1.35
CA HIS A 330 -3.80 -12.92 -0.92
C HIS A 330 -4.62 -14.21 -1.00
N SER A 331 -5.90 -14.11 -0.65
CA SER A 331 -6.76 -15.29 -0.59
C SER A 331 -6.91 -15.94 -1.95
N VAL A 332 -6.69 -15.16 -3.01
CA VAL A 332 -6.76 -15.70 -4.37
C VAL A 332 -5.40 -15.65 -5.07
N ARG A 333 -4.34 -15.48 -4.27
CA ARG A 333 -2.96 -15.47 -4.77
C ARG A 333 -2.76 -14.50 -5.93
N LYS A 334 -3.21 -13.27 -5.73
CA LYS A 334 -2.98 -12.18 -6.66
C LYS A 334 -2.30 -11.01 -5.94
N ASP A 335 -1.73 -10.09 -6.71
CA ASP A 335 -1.08 -8.91 -6.13
C ASP A 335 -2.04 -7.73 -6.18
N PHE A 336 -2.21 -7.03 -5.07
CA PHE A 336 -3.02 -5.82 -5.08
C PHE A 336 -2.20 -4.60 -5.49
N VAL A 337 -2.77 -3.80 -6.39
CA VAL A 337 -2.10 -2.62 -6.94
C VAL A 337 -3.02 -1.41 -6.84
N LEU A 338 -2.47 -0.33 -6.30
CA LEU A 338 -3.12 0.98 -6.27
C LEU A 338 -2.63 1.79 -7.46
N ALA A 339 -3.54 2.14 -8.37
CA ALA A 339 -3.17 2.97 -9.51
C ALA A 339 -3.57 4.39 -9.21
N VAL A 340 -2.58 5.27 -9.08
CA VAL A 340 -2.86 6.66 -8.77
C VAL A 340 -2.81 7.52 -10.04
N VAL A 341 -3.97 8.01 -10.43
CA VAL A 341 -4.05 8.89 -11.60
C VAL A 341 -3.75 10.31 -11.16
N GLU A 342 -2.54 10.75 -11.48
CA GLU A 342 -2.03 12.04 -11.03
C GLU A 342 -2.45 13.17 -11.95
N ASP A 343 -2.71 12.83 -13.21
CA ASP A 343 -3.26 13.77 -14.16
C ASP A 343 -4.06 12.98 -15.17
N VAL A 344 -5.35 13.28 -15.29
CA VAL A 344 -6.22 12.50 -16.14
C VAL A 344 -5.95 12.79 -17.61
N GLU A 345 -5.69 14.06 -17.94
CA GLU A 345 -5.63 14.43 -19.34
C GLU A 345 -4.30 14.17 -20.04
N GLU A 346 -3.19 14.07 -19.31
CA GLU A 346 -1.92 13.90 -20.01
C GLU A 346 -1.80 12.52 -20.69
N PRO A 347 -1.98 11.41 -19.95
CA PRO A 347 -2.22 11.19 -18.54
C PRO A 347 -0.92 10.95 -17.79
N ARG A 348 -0.99 11.02 -16.48
CA ARG A 348 0.15 10.69 -15.63
C ARG A 348 -0.38 9.72 -14.58
N ILE A 349 0.21 8.54 -14.53
CA ILE A 349 -0.26 7.45 -13.67
C ILE A 349 0.93 6.79 -13.01
N GLU A 350 0.81 6.49 -11.71
CA GLU A 350 1.81 5.67 -11.05
C GLU A 350 1.14 4.52 -10.32
N TYR A 351 1.84 3.41 -10.23
CA TYR A 351 1.32 2.18 -9.65
C TYR A 351 2.10 1.80 -8.40
N VAL A 352 1.37 1.47 -7.34
CA VAL A 352 1.95 1.07 -6.06
C VAL A 352 1.41 -0.30 -5.68
N MET A 353 2.28 -1.27 -5.46
CA MET A 353 1.84 -2.56 -4.98
C MET A 353 1.80 -2.57 -3.45
N TRP A 354 0.75 -3.18 -2.89
CA TRP A 354 0.64 -3.43 -1.47
C TRP A 354 0.72 -4.93 -1.24
N ARG A 355 1.70 -5.36 -0.47
CA ARG A 355 1.84 -6.77 -0.16
C ARG A 355 1.83 -7.04 1.34
N TRP A 356 0.87 -7.83 1.78
CA TRP A 356 0.79 -8.34 3.14
C TRP A 356 1.99 -9.25 3.38
N LYS A 357 2.78 -8.98 4.42
CA LYS A 357 4.06 -9.67 4.58
C LYS A 357 4.29 -10.13 6.00
N ARG A 358 4.85 -11.34 6.14
CA ARG A 358 5.33 -11.84 7.43
C ARG A 358 6.76 -11.39 7.64
N LEU A 359 6.97 -10.59 8.68
CA LEU A 359 8.32 -10.09 8.96
C LEU A 359 9.06 -10.97 9.96
P PO4 B . 15.23 12.00 5.25
O1 PO4 B . 14.56 13.25 4.70
O2 PO4 B . 15.04 11.95 6.74
O3 PO4 B . 14.57 10.79 4.61
O4 PO4 B . 16.70 12.00 4.90
P PO4 C . -9.06 -15.62 -12.57
O1 PO4 C . -8.43 -14.32 -12.99
O2 PO4 C . -8.27 -16.12 -11.37
O3 PO4 C . -10.51 -15.39 -12.17
O4 PO4 C . -8.96 -16.65 -13.65
#